data_6OME
#
_entry.id   6OME
#
_cell.length_a   137.960
_cell.length_b   137.960
_cell.length_c   128.140
_cell.angle_alpha   90.000
_cell.angle_beta   90.000
_cell.angle_gamma   120.000
#
_symmetry.space_group_name_H-M   'P 63 2 2'
#
loop_
_entity.id
_entity.type
_entity.pdbx_description
1 polymer 'Probable cytosol aminopeptidase'
2 non-polymer 'CARBONATE ION'
3 non-polymer 1,2-ETHANEDIOL
4 non-polymer 'SULFATE ION'
5 non-polymer 'ZINC ION'
6 non-polymer 'SODIUM ION'
7 non-polymer 'CHLORIDE ION'
8 non-polymer LEUCINE
9 water water
#
_entity_poly.entity_id   1
_entity_poly.type   'polypeptide(L)'
_entity_poly.pdbx_seq_one_letter_code
;MAHHHHHHMVVLLYSQASWDQRSKADALVLPFWMKNSKAQEAAVVDEDYKLVYQNALSNFSGKKGETAFLFGNDHTKEQK
IVLLGLGKSEEVSGTTVLEAYAQATTVLRKAKCKTVNILFPTISQLRFSVEEFLTNLAAGVLSLNYNYPTYHKVDTSLPF
LEKVTVIGIVSKVGDKIFRKEESLFEGVYLTRDLVNTNADEVTPEKLAAVAKGLAGEFASLDVKILDRKAILKEKMGLLA
AVAKGAAVEPRFIVLDYQGKPKSKDRTVLIGKGVTFDSGGLDLKPGKAMITMKEDMAGAATVLGIFSALASLELPINVTG
IIPATENAIGSAAYKMGDVYVGMTGLSVEIGSTDAEGRLILADAISYALKYCNPTRIIDFATLTGAMVVSLGESVAGFFA
NNDVLARDLAEASSETGEALWRMPLVEKYDQALHSDIADMKNIGSNRAGSITAALFLQRFLEDNPVAWAHLDIAGTAYHE
KEELPYPKYATGFGVRCLIHYMEKFLSK
;
_entity_poly.pdbx_strand_id   A
#
loop_
_chem_comp.id
_chem_comp.type
_chem_comp.name
_chem_comp.formula
CL non-polymer 'CHLORIDE ION' 'Cl -1'
CO3 non-polymer 'CARBONATE ION' 'C O3 -2'
EDO non-polymer 1,2-ETHANEDIOL 'C2 H6 O2'
NA non-polymer 'SODIUM ION' 'Na 1'
SO4 non-polymer 'SULFATE ION' 'O4 S -2'
ZN non-polymer 'ZINC ION' 'Zn 2'
#
# COMPACT_ATOMS: atom_id res chain seq x y z
N VAL A 10 8.84 13.45 -12.21
CA VAL A 10 8.11 12.19 -12.17
C VAL A 10 8.81 11.09 -12.97
N VAL A 11 9.39 11.44 -14.12
CA VAL A 11 10.15 10.47 -14.92
C VAL A 11 11.53 10.27 -14.28
N LEU A 12 11.83 9.04 -13.90
CA LEU A 12 13.07 8.72 -13.18
C LEU A 12 13.95 7.72 -13.92
N LEU A 13 13.36 6.68 -14.50
CA LEU A 13 14.08 5.52 -15.00
C LEU A 13 14.16 5.55 -16.51
N TYR A 14 15.35 5.20 -17.03
CA TYR A 14 15.64 5.19 -18.46
C TYR A 14 16.39 3.92 -18.83
N SER A 15 16.19 3.46 -20.06
CA SER A 15 16.89 2.33 -20.63
C SER A 15 18.04 2.82 -21.50
N GLN A 16 19.15 2.09 -21.46
CA GLN A 16 20.31 2.37 -22.31
C GLN A 16 20.89 1.03 -22.76
N ALA A 17 20.98 0.81 -24.07
CA ALA A 17 21.41 -0.48 -24.58
C ALA A 17 22.92 -0.67 -24.48
N SER A 18 23.70 0.36 -24.80
CA SER A 18 25.15 0.23 -24.94
C SER A 18 25.83 0.62 -23.63
N TRP A 19 26.62 -0.32 -23.09
CA TRP A 19 27.52 0.01 -21.98
C TRP A 19 28.51 1.09 -22.38
N ASP A 20 29.02 1.03 -23.61
CA ASP A 20 30.09 1.93 -24.02
C ASP A 20 29.60 3.35 -24.28
N GLN A 21 28.32 3.53 -24.64
CA GLN A 21 27.78 4.84 -24.95
C GLN A 21 26.98 5.43 -23.80
N ARG A 22 27.05 4.86 -22.60
CA ARG A 22 26.34 5.42 -21.46
C ARG A 22 26.95 6.76 -21.07
N SER A 23 26.11 7.62 -20.51
CA SER A 23 26.59 8.89 -20.01
C SER A 23 27.19 8.72 -18.62
N LYS A 24 27.96 9.72 -18.21
CA LYS A 24 28.49 9.73 -16.86
C LYS A 24 27.34 9.81 -15.86
N ALA A 25 27.55 9.19 -14.71
CA ALA A 25 26.61 9.25 -13.61
C ALA A 25 27.41 9.32 -12.32
N ASP A 26 26.74 9.73 -11.24
CA ASP A 26 27.41 9.82 -9.95
C ASP A 26 27.86 8.45 -9.47
N ALA A 27 27.06 7.43 -9.76
CA ALA A 27 27.27 6.10 -9.21
C ALA A 27 26.98 5.05 -10.27
N LEU A 28 27.64 3.90 -10.09
CA LEU A 28 27.41 2.72 -10.91
C LEU A 28 27.07 1.56 -9.98
N VAL A 29 25.98 0.85 -10.27
CA VAL A 29 25.57 -0.30 -9.48
C VAL A 29 25.89 -1.56 -10.27
N LEU A 30 26.83 -2.34 -9.76
CA LEU A 30 27.25 -3.58 -10.40
C LEU A 30 26.58 -4.77 -9.72
N PRO A 31 25.98 -5.69 -10.48
CA PRO A 31 25.28 -6.82 -9.85
C PRO A 31 26.17 -8.04 -9.68
N PHE A 32 25.96 -8.75 -8.57
CA PHE A 32 26.74 -9.95 -8.26
C PHE A 32 25.82 -11.05 -7.76
N TRP A 33 26.09 -12.28 -8.17
CA TRP A 33 25.54 -13.44 -7.51
C TRP A 33 26.46 -13.85 -6.37
N MET A 34 25.97 -14.77 -5.55
CA MET A 34 26.81 -15.48 -4.59
C MET A 34 26.97 -16.91 -5.07
N LYS A 35 28.22 -17.33 -5.27
CA LYS A 35 28.54 -18.70 -5.67
C LYS A 35 29.54 -19.26 -4.68
N ASN A 36 29.14 -20.30 -3.95
CA ASN A 36 29.96 -20.90 -2.90
C ASN A 36 30.47 -19.84 -1.93
N SER A 37 29.55 -19.01 -1.46
CA SER A 37 29.84 -17.96 -0.48
C SER A 37 30.82 -16.91 -0.98
N LYS A 38 31.06 -16.86 -2.29
CA LYS A 38 31.95 -15.88 -2.90
C LYS A 38 31.15 -15.03 -3.88
N ALA A 39 31.53 -13.75 -3.98
CA ALA A 39 30.86 -12.87 -4.93
C ALA A 39 31.23 -13.28 -6.35
N GLN A 40 30.23 -13.32 -7.23
CA GLN A 40 30.43 -13.65 -8.63
C GLN A 40 29.72 -12.64 -9.51
N GLU A 41 30.46 -12.01 -10.41
CA GLU A 41 29.88 -11.01 -11.30
C GLU A 41 28.68 -11.58 -12.05
N ALA A 42 27.58 -10.83 -12.04
CA ALA A 42 26.36 -11.23 -12.74
C ALA A 42 26.28 -10.63 -14.13
N ALA A 43 27.19 -9.73 -14.49
CA ALA A 43 27.26 -9.18 -15.83
C ALA A 43 28.72 -9.09 -16.25
N VAL A 44 28.94 -8.88 -17.55
CA VAL A 44 30.29 -8.68 -18.06
C VAL A 44 30.78 -7.31 -17.61
N VAL A 45 31.90 -7.29 -16.90
CA VAL A 45 32.44 -6.07 -16.32
C VAL A 45 33.79 -5.78 -16.96
N ASP A 46 33.98 -4.55 -17.42
CA ASP A 46 35.27 -4.09 -17.91
C ASP A 46 36.36 -4.40 -16.89
N GLU A 47 37.44 -5.03 -17.34
CA GLU A 47 38.47 -5.51 -16.41
C GLU A 47 39.12 -4.37 -15.65
N ASP A 48 39.14 -3.16 -16.23
CA ASP A 48 39.62 -2.00 -15.48
C ASP A 48 38.72 -1.68 -14.30
N TYR A 49 37.41 -1.89 -14.45
CA TYR A 49 36.50 -1.71 -13.32
C TYR A 49 36.67 -2.82 -12.29
N LYS A 50 36.96 -4.04 -12.74
CA LYS A 50 37.17 -5.15 -11.82
C LYS A 50 38.34 -4.88 -10.87
N LEU A 51 39.44 -4.33 -11.40
CA LEU A 51 40.58 -4.04 -10.54
C LEU A 51 40.24 -3.02 -9.46
N VAL A 52 39.31 -2.11 -9.76
CA VAL A 52 38.98 -1.03 -8.83
C VAL A 52 38.36 -1.57 -7.55
N TYR A 53 37.46 -2.56 -7.66
CA TYR A 53 36.75 -3.03 -6.49
C TYR A 53 37.31 -4.35 -5.94
N GLN A 54 38.48 -4.79 -6.42
CA GLN A 54 39.07 -6.02 -5.90
C GLN A 54 39.27 -5.95 -4.39
N ASN A 55 39.67 -4.78 -3.88
CA ASN A 55 39.87 -4.62 -2.45
C ASN A 55 38.61 -4.98 -1.67
N ALA A 56 37.44 -4.67 -2.23
CA ALA A 56 36.18 -4.81 -1.50
C ALA A 56 35.64 -6.24 -1.47
N LEU A 57 36.22 -7.17 -2.24
CA LEU A 57 35.62 -8.49 -2.38
C LEU A 57 35.80 -9.36 -1.14
N SER A 58 36.76 -9.05 -0.27
CA SER A 58 37.00 -9.94 0.86
C SER A 58 35.89 -9.86 1.90
N ASN A 59 35.20 -8.72 1.99
CA ASN A 59 34.08 -8.55 2.90
C ASN A 59 32.74 -8.40 2.17
N PHE A 60 32.69 -8.81 0.91
CA PHE A 60 31.47 -8.77 0.11
C PHE A 60 31.33 -10.10 -0.60
N SER A 61 30.23 -10.80 -0.35
CA SER A 61 30.05 -12.15 -0.89
C SER A 61 28.90 -12.27 -1.86
N GLY A 62 28.21 -11.17 -2.17
CA GLY A 62 27.11 -11.22 -3.10
C GLY A 62 25.80 -11.75 -2.53
N LYS A 63 25.68 -11.84 -1.21
CA LYS A 63 24.41 -12.22 -0.62
C LYS A 63 23.34 -11.19 -0.97
N LYS A 64 22.08 -11.64 -1.03
CA LYS A 64 21.04 -10.79 -1.59
C LYS A 64 20.83 -9.54 -0.74
N GLY A 65 20.86 -8.38 -1.39
CA GLY A 65 20.76 -7.11 -0.70
C GLY A 65 22.05 -6.62 -0.08
N GLU A 66 23.11 -7.43 -0.07
CA GLU A 66 24.38 -6.97 0.44
C GLU A 66 24.95 -5.91 -0.49
N THR A 67 25.57 -4.89 0.08
CA THR A 67 26.19 -3.84 -0.72
C THR A 67 27.62 -3.60 -0.27
N ALA A 68 28.44 -3.13 -1.20
CA ALA A 68 29.76 -2.64 -0.89
C ALA A 68 29.92 -1.32 -1.62
N PHE A 69 30.34 -0.29 -0.89
CA PHE A 69 30.50 1.04 -1.44
C PHE A 69 31.99 1.36 -1.57
N LEU A 70 32.38 1.85 -2.74
CA LEU A 70 33.77 2.21 -3.00
C LEU A 70 33.79 3.34 -4.01
N PHE A 71 34.93 3.99 -4.12
CA PHE A 71 35.09 5.10 -5.05
C PHE A 71 35.79 4.62 -6.32
N GLY A 72 35.45 5.26 -7.43
CA GLY A 72 36.12 5.00 -8.70
C GLY A 72 37.49 5.65 -8.74
N ASN A 73 38.02 5.76 -9.94
CA ASN A 73 39.30 6.42 -10.13
C ASN A 73 39.33 7.03 -11.53
N ASP A 74 40.53 7.38 -12.00
CA ASP A 74 40.67 7.94 -13.34
C ASP A 74 40.32 6.95 -14.43
N HIS A 75 40.27 5.65 -14.12
CA HIS A 75 40.00 4.62 -15.10
C HIS A 75 38.53 4.20 -15.15
N THR A 76 37.67 4.78 -14.31
CA THR A 76 36.25 4.50 -14.35
C THR A 76 35.49 5.80 -14.65
N LYS A 77 34.38 5.65 -15.37
CA LYS A 77 33.51 6.77 -15.67
C LYS A 77 32.87 7.28 -14.38
N GLU A 78 32.02 6.46 -13.77
CA GLU A 78 31.37 6.82 -12.50
C GLU A 78 32.39 6.82 -11.36
N GLN A 79 32.25 7.79 -10.45
CA GLN A 79 33.23 7.96 -9.39
C GLN A 79 32.81 7.32 -8.07
N LYS A 80 31.57 6.84 -7.97
CA LYS A 80 31.14 6.00 -6.87
C LYS A 80 30.63 4.70 -7.45
N ILE A 81 30.89 3.59 -6.76
CA ILE A 81 30.55 2.27 -7.24
C ILE A 81 29.89 1.49 -6.12
N VAL A 82 28.71 0.94 -6.37
CA VAL A 82 28.02 0.07 -5.43
C VAL A 82 28.04 -1.34 -6.02
N LEU A 83 28.59 -2.29 -5.25
CA LEU A 83 28.43 -3.69 -5.57
C LEU A 83 27.17 -4.19 -4.88
N LEU A 84 26.30 -4.84 -5.63
CA LEU A 84 25.00 -5.24 -5.13
C LEU A 84 24.85 -6.75 -5.25
N GLY A 85 24.58 -7.42 -4.13
CA GLY A 85 24.39 -8.85 -4.13
C GLY A 85 22.94 -9.22 -4.45
N LEU A 86 22.78 -10.26 -5.26
CA LEU A 86 21.47 -10.78 -5.62
C LEU A 86 21.23 -12.19 -5.12
N GLY A 87 22.16 -12.77 -4.36
CA GLY A 87 22.01 -14.13 -3.88
C GLY A 87 22.37 -15.17 -4.93
N LYS A 88 22.01 -16.41 -4.63
CA LYS A 88 22.26 -17.51 -5.57
C LYS A 88 21.46 -17.31 -6.84
N SER A 89 22.12 -17.47 -7.99
CA SER A 89 21.49 -17.17 -9.27
C SER A 89 20.29 -18.08 -9.53
N GLU A 90 20.40 -19.36 -9.18
CA GLU A 90 19.28 -20.27 -9.40
C GLU A 90 18.12 -20.01 -8.47
N GLU A 91 18.29 -19.16 -7.45
CA GLU A 91 17.23 -18.85 -6.52
C GLU A 91 16.67 -17.44 -6.71
N VAL A 92 17.04 -16.76 -7.80
CA VAL A 92 16.63 -15.37 -7.98
C VAL A 92 15.13 -15.28 -8.12
N SER A 93 14.53 -14.27 -7.50
CA SER A 93 13.10 -14.09 -7.48
C SER A 93 12.77 -12.62 -7.61
N GLY A 94 11.50 -12.33 -7.89
CA GLY A 94 11.05 -10.95 -7.96
C GLY A 94 11.22 -10.19 -6.65
N THR A 95 10.87 -10.83 -5.52
CA THR A 95 11.05 -10.14 -4.25
C THR A 95 12.53 -9.93 -3.93
N THR A 96 13.38 -10.90 -4.27
CA THR A 96 14.82 -10.69 -4.10
C THR A 96 15.30 -9.47 -4.88
N VAL A 97 14.90 -9.37 -6.15
CA VAL A 97 15.34 -8.25 -6.97
C VAL A 97 14.76 -6.94 -6.45
N LEU A 98 13.46 -6.93 -6.14
CA LEU A 98 12.83 -5.71 -5.63
C LEU A 98 13.53 -5.24 -4.36
N GLU A 99 13.74 -6.14 -3.41
CA GLU A 99 14.36 -5.74 -2.14
C GLU A 99 15.83 -5.38 -2.29
N ALA A 100 16.54 -6.03 -3.22
CA ALA A 100 17.95 -5.68 -3.43
C ALA A 100 18.08 -4.27 -3.99
N TYR A 101 17.29 -3.94 -5.02
CA TYR A 101 17.42 -2.61 -5.57
C TYR A 101 16.82 -1.55 -4.66
N ALA A 102 15.86 -1.90 -3.81
CA ALA A 102 15.43 -0.97 -2.76
C ALA A 102 16.59 -0.68 -1.82
N GLN A 103 17.31 -1.72 -1.42
CA GLN A 103 18.47 -1.54 -0.54
C GLN A 103 19.54 -0.69 -1.21
N ALA A 104 19.82 -0.95 -2.49
CA ALA A 104 20.82 -0.14 -3.20
C ALA A 104 20.39 1.31 -3.26
N THR A 105 19.08 1.56 -3.44
CA THR A 105 18.60 2.93 -3.52
C THR A 105 18.90 3.70 -2.23
N THR A 106 18.67 3.04 -1.08
CA THR A 106 19.00 3.66 0.20
C THR A 106 20.48 3.98 0.30
N VAL A 107 21.34 3.04 -0.11
CA VAL A 107 22.79 3.27 -0.07
C VAL A 107 23.17 4.45 -0.96
N LEU A 108 22.62 4.49 -2.17
CA LEU A 108 22.94 5.55 -3.11
C LEU A 108 22.52 6.91 -2.58
N ARG A 109 21.30 6.99 -2.04
CA ARG A 109 20.80 8.26 -1.52
C ARG A 109 21.60 8.71 -0.31
N LYS A 110 21.96 7.77 0.58
CA LYS A 110 22.80 8.13 1.72
C LYS A 110 24.19 8.60 1.27
N ALA A 111 24.68 8.08 0.15
CA ALA A 111 25.91 8.58 -0.43
C ALA A 111 25.71 9.87 -1.20
N LYS A 112 24.49 10.42 -1.21
CA LYS A 112 24.18 11.71 -1.83
C LYS A 112 24.41 11.67 -3.34
N CYS A 113 24.01 10.56 -3.97
CA CYS A 113 24.04 10.46 -5.43
C CYS A 113 22.74 10.97 -6.01
N LYS A 114 22.82 11.60 -7.18
CA LYS A 114 21.65 12.05 -7.90
C LYS A 114 21.40 11.28 -9.18
N THR A 115 22.43 10.87 -9.89
CA THR A 115 22.30 10.08 -11.11
C THR A 115 23.01 8.75 -10.91
N VAL A 116 22.41 7.69 -11.47
CA VAL A 116 22.88 6.33 -11.26
C VAL A 116 22.82 5.57 -12.58
N ASN A 117 23.87 4.80 -12.86
CA ASN A 117 23.85 3.78 -13.89
C ASN A 117 23.76 2.43 -13.21
N ILE A 118 22.80 1.61 -13.64
CA ILE A 118 22.62 0.26 -13.11
C ILE A 118 22.93 -0.71 -14.24
N LEU A 119 23.96 -1.52 -14.06
CA LEU A 119 24.29 -2.52 -15.06
C LEU A 119 23.34 -3.71 -14.92
N PHE A 120 22.61 -4.00 -15.98
CA PHE A 120 21.67 -5.12 -15.96
C PHE A 120 22.43 -6.44 -16.01
N PRO A 121 22.07 -7.42 -15.20
CA PRO A 121 22.81 -8.70 -15.21
C PRO A 121 22.47 -9.52 -16.45
N THR A 122 23.27 -10.56 -16.66
CA THR A 122 22.96 -11.59 -17.64
C THR A 122 22.07 -12.63 -16.99
N ILE A 123 20.82 -12.74 -17.46
CA ILE A 123 19.89 -13.71 -16.90
C ILE A 123 19.31 -14.57 -18.01
N SER A 124 19.91 -14.50 -19.20
CA SER A 124 19.48 -15.33 -20.32
C SER A 124 19.48 -16.82 -19.95
N GLN A 125 20.45 -17.24 -19.14
CA GLN A 125 20.55 -18.64 -18.72
C GLN A 125 19.55 -19.03 -17.65
N LEU A 126 18.80 -18.07 -17.09
CA LEU A 126 17.88 -18.31 -16.01
C LEU A 126 16.43 -18.24 -16.51
N ARG A 127 15.57 -19.06 -15.90
CA ARG A 127 14.14 -19.03 -16.22
C ARG A 127 13.47 -17.74 -15.76
N PHE A 128 14.22 -16.82 -15.17
CA PHE A 128 13.70 -15.54 -14.73
C PHE A 128 13.69 -14.55 -15.89
N SER A 129 12.53 -13.93 -16.15
CA SER A 129 12.38 -13.13 -17.35
C SER A 129 12.90 -11.70 -17.16
N VAL A 130 13.27 -11.08 -18.27
CA VAL A 130 13.73 -9.70 -18.25
C VAL A 130 12.60 -8.78 -17.77
N GLU A 131 11.37 -9.04 -18.22
CA GLU A 131 10.24 -8.22 -17.81
CA GLU A 131 10.24 -8.22 -17.81
C GLU A 131 10.06 -8.24 -16.30
N GLU A 132 10.09 -9.44 -15.70
CA GLU A 132 9.92 -9.54 -14.26
C GLU A 132 11.06 -8.88 -13.51
N PHE A 133 12.29 -9.09 -13.97
CA PHE A 133 13.43 -8.43 -13.34
C PHE A 133 13.27 -6.90 -13.38
N LEU A 134 12.99 -6.35 -14.56
CA LEU A 134 12.89 -4.90 -14.71
C LEU A 134 11.74 -4.32 -13.90
N THR A 135 10.60 -5.01 -13.85
CA THR A 135 9.47 -4.54 -13.06
C THR A 135 9.85 -4.41 -11.58
N ASN A 136 10.56 -5.40 -11.06
CA ASN A 136 10.93 -5.38 -9.65
C ASN A 136 12.09 -4.44 -9.38
N LEU A 137 13.05 -4.35 -10.30
CA LEU A 137 14.07 -3.30 -10.18
C LEU A 137 13.42 -1.94 -10.06
N ALA A 138 12.51 -1.63 -10.99
CA ALA A 138 11.87 -0.32 -11.00
C ALA A 138 11.07 -0.07 -9.73
N ALA A 139 10.29 -1.06 -9.28
CA ALA A 139 9.48 -0.90 -8.09
C ALA A 139 10.35 -0.68 -6.85
N GLY A 140 11.48 -1.38 -6.76
CA GLY A 140 12.34 -1.23 -5.59
C GLY A 140 12.99 0.14 -5.54
N VAL A 141 13.43 0.65 -6.68
CA VAL A 141 14.00 2.00 -6.74
C VAL A 141 12.94 3.03 -6.39
N LEU A 142 11.77 2.93 -7.04
CA LEU A 142 10.71 3.90 -6.78
C LEU A 142 10.25 3.86 -5.33
N SER A 143 10.19 2.66 -4.74
CA SER A 143 9.68 2.58 -3.37
C SER A 143 10.56 3.35 -2.39
N LEU A 144 11.89 3.23 -2.55
CA LEU A 144 12.81 3.84 -1.61
C LEU A 144 13.34 5.18 -2.09
N ASN A 145 12.96 5.63 -3.27
CA ASN A 145 13.22 7.01 -3.65
C ASN A 145 12.17 7.96 -3.09
N TYR A 146 11.48 7.57 -2.05
CA TYR A 146 10.41 8.36 -1.46
C TYR A 146 10.95 9.04 -0.20
N ASN A 147 10.48 10.26 0.07
CA ASN A 147 10.73 10.95 1.34
C ASN A 147 9.42 11.08 2.09
N TYR A 148 9.37 10.63 3.34
CA TYR A 148 8.21 10.98 4.15
C TYR A 148 8.25 12.47 4.46
N PRO A 149 7.10 13.11 4.68
CA PRO A 149 7.10 14.54 4.98
C PRO A 149 7.91 14.86 6.22
N THR A 150 8.60 15.99 6.17
CA THR A 150 9.40 16.47 7.30
C THR A 150 9.10 17.94 7.52
N TYR A 151 9.34 18.39 8.76
CA TYR A 151 8.95 19.72 9.20
C TYR A 151 10.10 20.52 9.81
N HIS A 152 11.35 20.06 9.67
CA HIS A 152 12.47 20.74 10.29
C HIS A 152 12.51 22.21 9.87
N LYS A 153 12.92 23.07 10.81
CA LYS A 153 13.08 24.48 10.49
C LYS A 153 13.93 24.68 9.25
N VAL A 154 14.99 23.91 9.11
CA VAL A 154 15.83 23.90 7.92
C VAL A 154 15.73 22.51 7.28
N ASP A 155 15.38 22.48 6.00
CA ASP A 155 15.15 21.21 5.31
C ASP A 155 16.35 20.28 5.47
N THR A 156 16.10 19.08 5.98
CA THR A 156 17.12 18.09 6.27
C THR A 156 16.95 16.82 5.44
N SER A 157 15.95 16.78 4.57
CA SER A 157 15.58 15.54 3.89
C SER A 157 16.71 15.06 2.97
N LEU A 158 16.80 13.74 2.85
CA LEU A 158 17.79 13.13 1.97
C LEU A 158 17.50 13.49 0.52
N PRO A 159 18.52 13.77 -0.28
CA PRO A 159 18.27 14.10 -1.70
C PRO A 159 17.66 12.92 -2.43
N PHE A 160 16.83 13.23 -3.43
CA PHE A 160 16.26 12.23 -4.30
C PHE A 160 17.29 11.76 -5.32
N LEU A 161 17.16 10.51 -5.74
CA LEU A 161 17.72 10.14 -7.04
C LEU A 161 16.94 10.90 -8.11
N GLU A 162 17.66 11.47 -9.07
CA GLU A 162 17.02 12.24 -10.14
C GLU A 162 17.02 11.53 -11.48
N LYS A 163 17.97 10.63 -11.72
CA LYS A 163 17.98 9.88 -12.97
C LYS A 163 18.60 8.52 -12.69
N VAL A 164 17.93 7.46 -13.16
CA VAL A 164 18.41 6.10 -12.99
C VAL A 164 18.36 5.45 -14.35
N THR A 165 19.53 5.09 -14.88
CA THR A 165 19.63 4.49 -16.20
C THR A 165 20.04 3.03 -16.05
N VAL A 166 19.25 2.14 -16.62
CA VAL A 166 19.51 0.72 -16.58
C VAL A 166 20.26 0.36 -17.86
N ILE A 167 21.50 -0.14 -17.71
CA ILE A 167 22.40 -0.36 -18.82
C ILE A 167 22.25 -1.80 -19.30
N GLY A 168 22.08 -1.99 -20.60
CA GLY A 168 22.07 -3.31 -21.19
C GLY A 168 20.71 -3.84 -21.58
N ILE A 169 19.68 -2.99 -21.63
CA ILE A 169 18.36 -3.40 -22.08
C ILE A 169 17.91 -2.45 -23.18
N VAL A 170 17.04 -2.94 -24.04
CA VAL A 170 16.53 -2.15 -25.15
C VAL A 170 15.46 -1.20 -24.64
N SER A 171 15.46 0.04 -25.17
CA SER A 171 14.50 1.04 -24.70
C SER A 171 13.06 0.54 -24.83
N LYS A 172 12.75 -0.20 -25.89
CA LYS A 172 11.37 -0.64 -26.11
C LYS A 172 10.86 -1.43 -24.92
N VAL A 173 11.59 -2.48 -24.51
CA VAL A 173 11.11 -3.32 -23.41
C VAL A 173 11.12 -2.53 -22.09
N GLY A 174 12.23 -1.84 -21.80
CA GLY A 174 12.39 -1.28 -20.46
C GLY A 174 11.49 -0.09 -20.19
N ASP A 175 11.36 0.82 -21.15
CA ASP A 175 10.73 2.11 -20.88
C ASP A 175 9.23 1.96 -20.63
N LYS A 176 8.56 1.07 -21.36
CA LYS A 176 7.14 0.82 -21.07
C LYS A 176 6.93 0.37 -19.64
N ILE A 177 7.80 -0.53 -19.16
CA ILE A 177 7.71 -0.99 -17.77
C ILE A 177 7.98 0.17 -16.82
N PHE A 178 9.00 0.96 -17.09
CA PHE A 178 9.36 2.05 -16.17
C PHE A 178 8.24 3.06 -16.06
N ARG A 179 7.67 3.48 -17.19
CA ARG A 179 6.65 4.53 -17.13
C ARG A 179 5.41 4.04 -16.42
N LYS A 180 5.06 2.78 -16.63
CA LYS A 180 3.94 2.17 -15.91
C LYS A 180 4.18 2.18 -14.40
N GLU A 181 5.36 1.72 -13.97
CA GLU A 181 5.61 1.69 -12.52
C GLU A 181 5.63 3.10 -11.95
N GLU A 182 6.16 4.07 -12.71
CA GLU A 182 6.22 5.45 -12.22
C GLU A 182 4.82 6.01 -11.98
N SER A 183 3.88 5.78 -12.91
CA SER A 183 2.52 6.26 -12.69
CA SER A 183 2.54 6.28 -12.67
C SER A 183 1.87 5.55 -11.53
N LEU A 184 2.15 4.26 -11.35
CA LEU A 184 1.62 3.53 -10.22
C LEU A 184 2.16 4.09 -8.92
N PHE A 185 3.46 4.39 -8.88
CA PHE A 185 4.04 4.87 -7.63
C PHE A 185 3.64 6.31 -7.31
N GLU A 186 3.14 7.07 -8.29
CA GLU A 186 2.52 8.35 -7.93
C GLU A 186 1.33 8.13 -7.00
N GLY A 187 0.57 7.05 -7.23
CA GLY A 187 -0.50 6.69 -6.30
C GLY A 187 0.03 6.17 -4.97
N VAL A 188 1.07 5.35 -5.01
CA VAL A 188 1.70 4.87 -3.76
C VAL A 188 2.17 6.05 -2.91
N TYR A 189 2.83 7.02 -3.54
CA TYR A 189 3.36 8.17 -2.80
C TYR A 189 2.23 8.98 -2.17
N LEU A 190 1.13 9.17 -2.90
CA LEU A 190 -0.04 9.85 -2.34
C LEU A 190 -0.53 9.14 -1.07
N THR A 191 -0.68 7.82 -1.14
CA THR A 191 -1.08 7.07 0.05
C THR A 191 -0.12 7.33 1.21
N ARG A 192 1.18 7.17 0.96
CA ARG A 192 2.18 7.37 2.01
C ARG A 192 2.09 8.79 2.58
N ASP A 193 2.01 9.78 1.69
CA ASP A 193 1.93 11.17 2.17
C ASP A 193 0.70 11.39 3.05
N LEU A 194 -0.45 10.86 2.64
CA LEU A 194 -1.67 11.07 3.41
C LEU A 194 -1.60 10.42 4.78
N VAL A 195 -1.00 9.22 4.87
CA VAL A 195 -0.87 8.52 6.15
C VAL A 195 0.17 9.20 7.03
N ASN A 196 1.29 9.63 6.44
CA ASN A 196 2.39 10.23 7.21
C ASN A 196 2.04 11.60 7.76
N THR A 197 1.23 12.38 7.04
CA THR A 197 1.03 13.79 7.39
C THR A 197 0.20 13.91 8.67
N ASN A 198 0.43 15.01 9.40
CA ASN A 198 -0.30 15.35 10.62
C ASN A 198 -1.78 15.05 10.52
N ALA A 199 -2.34 14.48 11.59
CA ALA A 199 -3.77 14.24 11.66
C ALA A 199 -4.56 15.55 11.70
N ASP A 200 -4.00 16.61 12.29
CA ASP A 200 -4.70 17.88 12.29
C ASP A 200 -4.74 18.52 10.90
N GLU A 201 -3.91 18.05 9.98
CA GLU A 201 -3.98 18.47 8.58
C GLU A 201 -4.81 17.53 7.73
N VAL A 202 -4.63 16.22 7.87
CA VAL A 202 -5.37 15.24 7.07
C VAL A 202 -6.63 14.90 7.86
N THR A 203 -7.57 15.84 7.81
CA THR A 203 -8.90 15.72 8.39
C THR A 203 -9.82 15.02 7.39
N PRO A 204 -11.05 14.68 7.80
CA PRO A 204 -11.99 14.13 6.79
C PRO A 204 -12.25 15.11 5.66
N GLU A 205 -12.30 16.41 5.95
CA GLU A 205 -12.46 17.41 4.89
C GLU A 205 -11.28 17.40 3.93
N LYS A 206 -10.06 17.23 4.45
CA LYS A 206 -8.90 17.14 3.58
C LYS A 206 -8.97 15.90 2.68
N LEU A 207 -9.40 14.77 3.22
CA LEU A 207 -9.56 13.57 2.38
C LEU A 207 -10.58 13.81 1.28
N ALA A 208 -11.66 14.52 1.58
CA ALA A 208 -12.63 14.86 0.55
C ALA A 208 -12.02 15.78 -0.49
N ALA A 209 -11.20 16.74 -0.04
CA ALA A 209 -10.56 17.65 -0.99
C ALA A 209 -9.61 16.91 -1.90
N VAL A 210 -8.88 15.93 -1.37
CA VAL A 210 -8.01 15.11 -2.19
C VAL A 210 -8.83 14.36 -3.25
N ALA A 211 -9.94 13.75 -2.82
CA ALA A 211 -10.77 13.02 -3.76
C ALA A 211 -11.37 13.95 -4.81
N LYS A 212 -11.80 15.14 -4.39
CA LYS A 212 -12.32 16.11 -5.35
C LYS A 212 -11.25 16.54 -6.34
N GLY A 213 -10.00 16.66 -5.87
CA GLY A 213 -8.92 17.03 -6.78
C GLY A 213 -8.64 15.95 -7.81
N LEU A 214 -8.67 14.68 -7.39
CA LEU A 214 -8.53 13.57 -8.32
C LEU A 214 -9.65 13.56 -9.35
N ALA A 215 -10.89 13.71 -8.89
CA ALA A 215 -12.02 13.78 -9.83
C ALA A 215 -11.87 14.97 -10.78
N GLY A 216 -11.43 16.12 -10.25
CA GLY A 216 -11.20 17.26 -11.11
C GLY A 216 -10.18 16.97 -12.19
N GLU A 217 -9.08 16.30 -11.80
CA GLU A 217 -7.98 16.06 -12.73
C GLU A 217 -8.35 15.07 -13.84
N PHE A 218 -9.18 14.07 -13.55
CA PHE A 218 -9.46 12.98 -14.49
C PHE A 218 -10.91 13.05 -14.96
N ALA A 219 -11.08 13.20 -16.27
CA ALA A 219 -12.42 13.18 -16.84
C ALA A 219 -13.13 11.85 -16.57
N SER A 220 -12.38 10.77 -16.39
CA SER A 220 -12.96 9.45 -16.12
C SER A 220 -13.49 9.30 -14.69
N LEU A 221 -13.22 10.26 -13.79
CA LEU A 221 -13.52 10.12 -12.38
C LEU A 221 -14.60 11.10 -11.97
N ASP A 222 -15.64 10.62 -11.31
CA ASP A 222 -16.60 11.52 -10.69
C ASP A 222 -16.58 11.30 -9.19
N VAL A 223 -16.98 12.32 -8.44
CA VAL A 223 -16.92 12.25 -6.98
C VAL A 223 -18.22 12.78 -6.41
N LYS A 224 -18.64 12.19 -5.30
CA LYS A 224 -19.77 12.66 -4.52
C LYS A 224 -19.31 12.74 -3.07
N ILE A 225 -19.57 13.87 -2.41
CA ILE A 225 -19.14 14.11 -1.04
CA ILE A 225 -19.14 14.08 -1.03
C ILE A 225 -20.35 14.35 -0.16
N LEU A 226 -20.49 13.58 0.92
CA LEU A 226 -21.55 13.75 1.91
C LEU A 226 -20.96 14.36 3.17
N ASP A 227 -21.58 15.44 3.65
CA ASP A 227 -21.18 16.00 4.94
C ASP A 227 -22.01 15.33 6.05
N ARG A 228 -21.90 15.81 7.30
CA ARG A 228 -22.59 15.15 8.40
C ARG A 228 -24.09 15.12 8.18
N LYS A 229 -24.67 16.24 7.74
CA LYS A 229 -26.10 16.32 7.49
C LYS A 229 -26.54 15.29 6.45
N ALA A 230 -25.76 15.13 5.38
CA ALA A 230 -26.09 14.15 4.36
C ALA A 230 -25.87 12.72 4.85
N ILE A 231 -24.87 12.51 5.70
CA ILE A 231 -24.69 11.19 6.32
C ILE A 231 -25.91 10.81 7.14
N LEU A 232 -26.44 11.76 7.91
CA LEU A 232 -27.64 11.49 8.70
C LEU A 232 -28.87 11.32 7.81
N LYS A 233 -28.95 12.04 6.70
CA LYS A 233 -30.09 11.86 5.80
C LYS A 233 -30.12 10.45 5.20
N GLU A 234 -28.95 9.87 4.91
CA GLU A 234 -28.89 8.47 4.50
C GLU A 234 -29.12 7.51 5.65
N LYS A 235 -29.30 7.99 6.88
CA LYS A 235 -29.49 7.15 8.07
C LYS A 235 -28.27 6.28 8.38
N MET A 236 -27.07 6.75 8.03
CA MET A 236 -25.85 6.02 8.38
C MET A 236 -25.48 6.35 9.83
N GLY A 237 -26.28 5.79 10.75
CA GLY A 237 -26.14 6.07 12.17
C GLY A 237 -24.93 5.45 12.81
N LEU A 238 -24.29 4.47 12.17
CA LEU A 238 -23.05 3.94 12.72
C LEU A 238 -21.89 4.89 12.46
N LEU A 239 -21.78 5.39 11.23
CA LEU A 239 -20.81 6.44 10.97
C LEU A 239 -21.13 7.69 11.77
N ALA A 240 -22.41 8.07 11.84
CA ALA A 240 -22.78 9.27 12.58
C ALA A 240 -22.43 9.12 14.07
N ALA A 241 -22.59 7.92 14.62
CA ALA A 241 -22.25 7.72 16.04
C ALA A 241 -20.76 7.90 16.25
N VAL A 242 -19.94 7.26 15.42
CA VAL A 242 -18.49 7.41 15.60
C VAL A 242 -18.11 8.88 15.50
N ALA A 243 -18.71 9.61 14.55
CA ALA A 243 -18.39 11.02 14.33
C ALA A 243 -19.01 11.96 15.36
N LYS A 244 -19.90 11.45 16.22
CA LYS A 244 -20.74 12.31 17.06
C LYS A 244 -19.91 13.29 17.89
N GLY A 245 -18.84 12.80 18.51
CA GLY A 245 -18.08 13.66 19.39
C GLY A 245 -16.98 14.49 18.76
N ALA A 246 -16.79 14.39 17.45
CA ALA A 246 -15.59 14.94 16.81
C ALA A 246 -15.66 16.46 16.71
N ALA A 247 -14.49 17.09 16.80
CA ALA A 247 -14.37 18.52 16.62
C ALA A 247 -14.15 18.92 15.17
N VAL A 248 -13.96 17.96 14.27
CA VAL A 248 -13.94 18.24 12.84
C VAL A 248 -15.08 17.46 12.21
N GLU A 249 -15.64 17.99 11.13
CA GLU A 249 -16.81 17.39 10.52
C GLU A 249 -16.44 16.11 9.78
N PRO A 250 -17.27 15.07 9.84
CA PRO A 250 -17.00 13.85 9.09
C PRO A 250 -17.31 14.05 7.61
N ARG A 251 -16.84 13.09 6.81
CA ARG A 251 -17.14 13.08 5.38
C ARG A 251 -17.41 11.63 4.94
N PHE A 252 -18.26 11.48 3.93
CA PHE A 252 -18.48 10.19 3.30
C PHE A 252 -18.24 10.40 1.81
N ILE A 253 -17.21 9.77 1.26
CA ILE A 253 -16.65 10.11 -0.04
C ILE A 253 -16.86 8.95 -0.99
N VAL A 254 -17.42 9.24 -2.17
CA VAL A 254 -17.68 8.23 -3.21
C VAL A 254 -17.00 8.68 -4.48
N LEU A 255 -16.02 7.91 -4.93
CA LEU A 255 -15.35 8.13 -6.22
C LEU A 255 -15.81 7.09 -7.21
N ASP A 256 -16.08 7.50 -8.44
CA ASP A 256 -16.56 6.55 -9.44
C ASP A 256 -15.71 6.63 -10.69
N TYR A 257 -15.14 5.50 -11.07
CA TYR A 257 -14.33 5.37 -12.29
C TYR A 257 -15.02 4.41 -13.23
N GLN A 258 -15.43 4.90 -14.39
CA GLN A 258 -16.21 4.11 -15.34
C GLN A 258 -15.37 3.79 -16.58
N GLY A 259 -14.36 2.94 -16.38
CA GLY A 259 -13.47 2.57 -17.46
C GLY A 259 -13.99 1.54 -18.44
N LYS A 260 -15.11 0.88 -18.15
CA LYS A 260 -15.72 -0.06 -19.09
C LYS A 260 -17.23 0.11 -19.02
N PRO A 261 -17.76 1.18 -19.62
CA PRO A 261 -19.19 1.49 -19.48
C PRO A 261 -20.13 0.42 -20.01
N LYS A 262 -19.68 -0.47 -20.89
CA LYS A 262 -20.56 -1.49 -21.43
C LYS A 262 -20.60 -2.76 -20.58
N SER A 263 -19.83 -2.83 -19.51
CA SER A 263 -19.79 -4.01 -18.65
C SER A 263 -20.53 -3.75 -17.36
N LYS A 264 -21.25 -4.78 -16.88
CA LYS A 264 -21.88 -4.72 -15.57
C LYS A 264 -20.90 -5.02 -14.45
N ASP A 265 -19.71 -5.52 -14.76
CA ASP A 265 -18.75 -5.89 -13.73
C ASP A 265 -18.27 -4.64 -13.01
N ARG A 266 -18.45 -4.59 -11.70
CA ARG A 266 -18.12 -3.40 -10.92
C ARG A 266 -17.43 -3.81 -9.64
N THR A 267 -16.29 -3.20 -9.37
CA THR A 267 -15.52 -3.44 -8.16
C THR A 267 -15.71 -2.25 -7.23
N VAL A 268 -16.09 -2.51 -5.99
CA VAL A 268 -16.20 -1.46 -4.99
C VAL A 268 -15.04 -1.61 -4.01
N LEU A 269 -14.24 -0.55 -3.86
CA LEU A 269 -13.16 -0.50 -2.88
C LEU A 269 -13.57 0.40 -1.73
N ILE A 270 -13.45 -0.09 -0.50
CA ILE A 270 -13.87 0.64 0.69
C ILE A 270 -12.66 0.82 1.61
N GLY A 271 -12.41 2.05 2.04
CA GLY A 271 -11.26 2.32 2.90
C GLY A 271 -11.63 3.01 4.19
N LYS A 272 -11.21 2.44 5.31
CA LYS A 272 -11.45 3.04 6.63
C LYS A 272 -10.68 4.35 6.76
N GLY A 273 -11.40 5.45 6.98
CA GLY A 273 -10.76 6.74 7.10
C GLY A 273 -10.89 7.40 8.47
N VAL A 274 -10.44 6.73 9.53
CA VAL A 274 -10.44 7.37 10.85
C VAL A 274 -9.18 8.21 10.94
N THR A 275 -9.33 9.53 10.83
CA THR A 275 -8.16 10.37 10.61
C THR A 275 -7.34 10.54 11.89
N PHE A 276 -7.93 10.27 13.05
CA PHE A 276 -7.17 10.08 14.28
C PHE A 276 -8.06 9.28 15.22
N ASP A 277 -7.51 8.22 15.81
CA ASP A 277 -8.24 7.31 16.68
C ASP A 277 -7.74 7.46 18.10
N SER A 278 -8.45 8.25 18.93
CA SER A 278 -8.15 8.31 20.36
C SER A 278 -8.63 7.06 21.09
N GLY A 279 -9.51 6.28 20.48
CA GLY A 279 -10.22 5.21 21.14
C GLY A 279 -11.61 5.61 21.61
N GLY A 280 -11.90 6.90 21.70
CA GLY A 280 -13.18 7.36 22.25
C GLY A 280 -13.20 7.27 23.77
N LEU A 281 -14.41 7.13 24.33
CA LEU A 281 -14.56 6.96 25.77
C LEU A 281 -13.69 5.81 26.30
N ASP A 282 -13.58 4.73 25.53
CA ASP A 282 -12.64 3.64 25.84
C ASP A 282 -11.24 4.07 25.38
N LEU A 283 -10.69 5.04 26.13
CA LEU A 283 -9.52 5.78 25.67
C LEU A 283 -8.29 4.89 25.56
N LYS A 284 -7.55 5.04 24.46
CA LYS A 284 -6.32 4.27 24.30
C LYS A 284 -5.25 4.74 25.29
N PRO A 285 -4.43 3.81 25.79
CA PRO A 285 -3.20 4.21 26.49
C PRO A 285 -2.35 5.09 25.58
N GLY A 286 -1.59 6.01 26.21
CA GLY A 286 -0.84 6.97 25.42
C GLY A 286 0.09 6.32 24.42
N LYS A 287 0.81 5.27 24.84
CA LYS A 287 1.75 4.64 23.93
C LYS A 287 1.06 3.91 22.79
N ALA A 288 -0.19 3.50 22.97
CA ALA A 288 -0.95 2.91 21.86
C ALA A 288 -1.53 3.96 20.92
N MET A 289 -1.68 5.20 21.39
CA MET A 289 -2.30 6.23 20.58
C MET A 289 -1.29 6.96 19.70
N ILE A 290 0.01 6.79 19.95
CA ILE A 290 1.02 7.69 19.40
C ILE A 290 1.02 7.69 17.87
N THR A 291 0.75 6.54 17.23
CA THR A 291 0.80 6.48 15.77
C THR A 291 -0.58 6.63 15.11
N MET A 292 -1.60 7.04 15.86
CA MET A 292 -2.96 6.84 15.35
C MET A 292 -3.37 7.84 14.27
N LYS A 293 -2.49 8.71 13.80
CA LYS A 293 -2.71 9.34 12.50
C LYS A 293 -2.74 8.28 11.38
N GLU A 294 -2.26 7.06 11.65
CA GLU A 294 -2.26 6.02 10.62
C GLU A 294 -3.61 5.38 10.42
N ASP A 295 -4.59 5.70 11.27
CA ASP A 295 -5.82 4.91 11.27
C ASP A 295 -6.71 5.22 10.08
N MET A 296 -6.27 6.10 9.18
CA MET A 296 -6.97 6.36 7.94
C MET A 296 -6.24 5.75 6.75
N ALA A 297 -5.32 4.82 7.02
CA ALA A 297 -4.52 4.27 5.92
C ALA A 297 -5.37 3.49 4.92
N GLY A 298 -6.45 2.83 5.38
CA GLY A 298 -7.35 2.19 4.43
C GLY A 298 -7.91 3.17 3.41
N ALA A 299 -8.36 4.34 3.88
CA ALA A 299 -8.83 5.38 2.98
C ALA A 299 -7.72 5.88 2.06
N ALA A 300 -6.53 6.10 2.62
CA ALA A 300 -5.43 6.59 1.79
C ALA A 300 -5.06 5.59 0.71
N THR A 301 -5.19 4.28 1.04
CA THR A 301 -4.91 3.23 0.07
C THR A 301 -5.89 3.29 -1.09
N VAL A 302 -7.18 3.47 -0.79
CA VAL A 302 -8.18 3.61 -1.86
C VAL A 302 -7.86 4.82 -2.73
N LEU A 303 -7.50 5.95 -2.12
CA LEU A 303 -7.18 7.12 -2.95
C LEU A 303 -5.95 6.87 -3.81
N GLY A 304 -4.92 6.21 -3.25
CA GLY A 304 -3.73 5.94 -4.05
C GLY A 304 -4.02 4.98 -5.19
N ILE A 305 -4.84 3.97 -4.93
CA ILE A 305 -5.27 3.07 -6.00
C ILE A 305 -5.99 3.85 -7.09
N PHE A 306 -6.90 4.76 -6.70
CA PHE A 306 -7.65 5.50 -7.71
C PHE A 306 -6.76 6.43 -8.51
N SER A 307 -5.72 6.99 -7.89
CA SER A 307 -4.78 7.80 -8.65
C SER A 307 -4.09 6.96 -9.72
N ALA A 308 -3.59 5.78 -9.33
CA ALA A 308 -2.94 4.89 -10.29
C ALA A 308 -3.92 4.38 -11.33
N LEU A 309 -5.14 4.03 -10.89
CA LEU A 309 -6.16 3.53 -11.80
C LEU A 309 -6.47 4.54 -12.90
N ALA A 310 -6.68 5.80 -12.53
CA ALA A 310 -6.99 6.82 -13.53
C ALA A 310 -5.80 7.12 -14.43
N SER A 311 -4.58 7.09 -13.87
CA SER A 311 -3.40 7.34 -14.71
C SER A 311 -3.16 6.20 -15.69
N LEU A 312 -3.35 4.96 -15.26
CA LEU A 312 -3.10 3.82 -16.12
C LEU A 312 -4.26 3.56 -17.07
N GLU A 313 -5.43 4.13 -16.76
CA GLU A 313 -6.61 4.03 -17.62
C GLU A 313 -7.03 2.59 -17.82
N LEU A 314 -6.99 1.79 -16.75
CA LEU A 314 -7.43 0.42 -16.86
C LEU A 314 -8.89 0.37 -17.33
N PRO A 315 -9.22 -0.51 -18.26
CA PRO A 315 -10.60 -0.55 -18.79
C PRO A 315 -11.52 -1.38 -17.90
N ILE A 316 -11.81 -0.87 -16.70
CA ILE A 316 -12.67 -1.52 -15.73
C ILE A 316 -13.50 -0.46 -15.00
N ASN A 317 -14.55 -0.91 -14.33
CA ASN A 317 -15.38 -0.04 -13.50
C ASN A 317 -15.02 -0.27 -12.05
N VAL A 318 -14.66 0.80 -11.34
CA VAL A 318 -14.31 0.73 -9.93
C VAL A 318 -14.99 1.90 -9.22
N THR A 319 -15.56 1.62 -8.05
CA THR A 319 -16.09 2.65 -7.18
C THR A 319 -15.29 2.63 -5.88
N GLY A 320 -14.95 3.81 -5.37
CA GLY A 320 -14.22 3.95 -4.12
C GLY A 320 -15.10 4.62 -3.09
N ILE A 321 -15.15 4.04 -1.90
CA ILE A 321 -16.01 4.56 -0.84
C ILE A 321 -15.15 4.78 0.39
N ILE A 322 -15.15 6.00 0.93
CA ILE A 322 -14.35 6.33 2.09
C ILE A 322 -15.22 6.97 3.16
N PRO A 323 -15.56 6.25 4.23
CA PRO A 323 -16.11 6.93 5.40
C PRO A 323 -14.96 7.53 6.21
N ALA A 324 -15.10 8.81 6.59
CA ALA A 324 -13.99 9.52 7.22
C ALA A 324 -14.45 10.31 8.43
N THR A 325 -13.76 10.15 9.56
CA THR A 325 -14.09 10.85 10.79
C THR A 325 -12.93 10.70 11.76
N GLU A 326 -12.77 11.66 12.66
CA GLU A 326 -11.98 11.36 13.85
C GLU A 326 -12.82 10.52 14.82
N ASN A 327 -12.12 9.75 15.67
CA ASN A 327 -12.75 9.05 16.79
C ASN A 327 -12.26 9.76 18.05
N ALA A 328 -13.07 10.70 18.52
CA ALA A 328 -12.66 11.65 19.55
C ALA A 328 -13.16 11.20 20.92
N ILE A 329 -12.50 11.69 21.95
CA ILE A 329 -13.02 11.57 23.31
C ILE A 329 -13.47 12.96 23.72
N GLY A 330 -14.59 13.05 24.40
CA GLY A 330 -15.14 14.34 24.77
C GLY A 330 -16.58 14.16 25.19
N SER A 331 -17.21 15.29 25.47
CA SER A 331 -18.51 15.24 26.13
C SER A 331 -19.60 14.69 25.21
N ALA A 332 -19.43 14.81 23.90
CA ALA A 332 -20.45 14.35 22.95
C ALA A 332 -20.07 13.01 22.30
N ALA A 333 -19.04 12.34 22.79
CA ALA A 333 -18.60 11.09 22.18
C ALA A 333 -19.66 10.00 22.34
N TYR A 334 -19.77 9.13 21.32
CA TYR A 334 -20.76 8.05 21.38
C TYR A 334 -20.40 7.10 22.51
N LYS A 335 -21.44 6.45 23.06
CA LYS A 335 -21.36 5.86 24.40
C LYS A 335 -21.09 4.36 24.37
N MET A 336 -20.14 3.94 25.23
CA MET A 336 -20.04 2.56 25.66
C MET A 336 -21.43 2.06 26.07
N GLY A 337 -21.79 0.87 25.58
CA GLY A 337 -23.04 0.23 25.98
C GLY A 337 -24.29 0.72 25.29
N ASP A 338 -24.22 1.79 24.50
CA ASP A 338 -25.42 2.18 23.78
C ASP A 338 -25.54 1.39 22.48
N VAL A 339 -26.73 1.43 21.89
CA VAL A 339 -27.01 0.77 20.61
C VAL A 339 -27.20 1.85 19.55
N TYR A 340 -26.50 1.70 18.43
CA TYR A 340 -26.64 2.57 17.28
C TYR A 340 -27.04 1.74 16.06
N VAL A 341 -27.64 2.38 15.06
CA VAL A 341 -28.35 1.69 13.99
C VAL A 341 -27.82 2.16 12.65
N GLY A 342 -27.49 1.20 11.78
CA GLY A 342 -26.98 1.51 10.46
C GLY A 342 -28.09 1.83 9.48
N MET A 343 -27.67 2.14 8.26
CA MET A 343 -28.62 2.67 7.28
C MET A 343 -29.60 1.63 6.73
N THR A 344 -29.42 0.34 6.99
CA THR A 344 -30.46 -0.63 6.62
C THR A 344 -31.22 -1.14 7.83
N GLY A 345 -30.98 -0.59 9.01
CA GLY A 345 -31.69 -1.01 10.19
C GLY A 345 -30.98 -2.02 11.07
N LEU A 346 -29.78 -2.46 10.70
CA LEU A 346 -29.04 -3.34 11.60
C LEU A 346 -28.55 -2.55 12.81
N SER A 347 -28.74 -3.10 14.00
CA SER A 347 -28.38 -2.41 15.23
C SER A 347 -27.10 -3.00 15.82
N VAL A 348 -26.32 -2.16 16.46
CA VAL A 348 -25.00 -2.54 16.97
C VAL A 348 -24.85 -2.04 18.40
N GLU A 349 -24.65 -2.97 19.33
CA GLU A 349 -24.40 -2.62 20.73
C GLU A 349 -22.90 -2.39 20.92
N ILE A 350 -22.55 -1.25 21.52
CA ILE A 350 -21.15 -0.85 21.63
C ILE A 350 -20.52 -1.53 22.85
N GLY A 351 -19.65 -2.51 22.60
CA GLY A 351 -18.84 -3.08 23.67
C GLY A 351 -17.54 -2.31 23.85
N SER A 352 -17.08 -1.64 22.80
CA SER A 352 -15.94 -0.73 22.93
C SER A 352 -16.01 0.35 21.87
N THR A 353 -15.91 1.61 22.30
CA THR A 353 -15.83 2.70 21.34
C THR A 353 -14.54 2.67 20.52
N ASP A 354 -13.53 1.91 20.94
CA ASP A 354 -12.29 1.74 20.18
C ASP A 354 -12.44 0.72 19.05
N ALA A 355 -13.59 0.06 18.94
CA ALA A 355 -13.89 -0.75 17.76
C ALA A 355 -14.79 0.04 16.80
N GLU A 356 -14.31 1.24 16.43
CA GLU A 356 -15.09 2.19 15.67
C GLU A 356 -14.95 2.00 14.16
N GLY A 357 -13.81 1.46 13.72
CA GLY A 357 -13.59 1.35 12.28
C GLY A 357 -14.59 0.42 11.63
N ARG A 358 -14.91 -0.69 12.31
CA ARG A 358 -15.86 -1.64 11.72
C ARG A 358 -17.25 -1.01 11.60
N LEU A 359 -17.59 -0.09 12.50
CA LEU A 359 -18.87 0.62 12.42
C LEU A 359 -18.95 1.46 11.15
N ILE A 360 -17.92 2.25 10.87
CA ILE A 360 -18.04 3.13 9.71
C ILE A 360 -17.92 2.33 8.43
N LEU A 361 -17.16 1.23 8.45
CA LEU A 361 -17.11 0.34 7.28
C LEU A 361 -18.46 -0.31 7.03
N ALA A 362 -19.17 -0.67 8.10
CA ALA A 362 -20.48 -1.30 7.98
C ALA A 362 -21.45 -0.41 7.20
N ASP A 363 -21.56 0.86 7.58
CA ASP A 363 -22.42 1.74 6.79
C ASP A 363 -21.91 1.92 5.37
N ALA A 364 -20.58 1.93 5.16
CA ALA A 364 -20.07 2.02 3.80
C ALA A 364 -20.43 0.79 2.98
N ILE A 365 -20.36 -0.40 3.60
CA ILE A 365 -20.74 -1.62 2.90
C ILE A 365 -22.21 -1.58 2.52
N SER A 366 -23.07 -1.22 3.48
CA SER A 366 -24.50 -1.05 3.19
C SER A 366 -24.73 -0.08 2.05
N TYR A 367 -24.02 1.05 2.06
CA TYR A 367 -24.16 2.03 0.99
C TYR A 367 -23.80 1.42 -0.36
N ALA A 368 -22.69 0.68 -0.41
CA ALA A 368 -22.26 0.04 -1.65
C ALA A 368 -23.34 -0.88 -2.19
N LEU A 369 -23.95 -1.69 -1.32
CA LEU A 369 -24.95 -2.64 -1.78
C LEU A 369 -26.23 -1.94 -2.18
N LYS A 370 -26.56 -0.82 -1.55
CA LYS A 370 -27.77 -0.11 -1.89
C LYS A 370 -27.65 0.62 -3.22
N TYR A 371 -26.50 1.20 -3.50
CA TYR A 371 -26.39 2.13 -4.63
C TYR A 371 -25.42 1.73 -5.74
N CYS A 372 -24.43 0.86 -5.48
CA CYS A 372 -23.33 0.72 -6.43
C CYS A 372 -23.33 -0.60 -7.20
N ASN A 373 -24.35 -1.45 -7.02
CA ASN A 373 -24.47 -2.74 -7.69
C ASN A 373 -23.13 -3.46 -7.82
N PRO A 374 -22.44 -3.73 -6.72
CA PRO A 374 -21.09 -4.30 -6.82
C PRO A 374 -21.12 -5.72 -7.34
N THR A 375 -20.12 -6.05 -8.16
CA THR A 375 -19.80 -7.46 -8.39
C THR A 375 -18.94 -8.01 -7.28
N ARG A 376 -18.04 -7.18 -6.74
CA ARG A 376 -17.21 -7.56 -5.61
C ARG A 376 -16.95 -6.31 -4.79
N ILE A 377 -16.69 -6.54 -3.50
CA ILE A 377 -16.32 -5.48 -2.56
C ILE A 377 -15.00 -5.89 -1.94
N ILE A 378 -14.02 -4.99 -1.96
CA ILE A 378 -12.76 -5.20 -1.26
C ILE A 378 -12.57 -4.03 -0.31
N ASP A 379 -12.41 -4.32 0.97
CA ASP A 379 -12.20 -3.23 1.91
C ASP A 379 -10.80 -3.30 2.52
N PHE A 380 -10.31 -2.13 2.94
CA PHE A 380 -8.98 -1.93 3.50
C PHE A 380 -9.13 -1.19 4.82
N ALA A 381 -8.54 -1.73 5.88
CA ALA A 381 -8.69 -1.08 7.19
C ALA A 381 -7.53 -1.44 8.10
N THR A 382 -7.00 -0.43 8.81
CA THR A 382 -6.15 -0.66 9.97
C THR A 382 -7.07 -1.04 11.13
N LEU A 383 -7.52 -2.29 11.13
CA LEU A 383 -8.69 -2.61 11.91
C LEU A 383 -8.37 -3.14 13.31
N THR A 384 -7.49 -4.15 13.45
CA THR A 384 -7.37 -4.79 14.77
C THR A 384 -5.93 -4.96 15.21
N GLY A 385 -5.68 -4.68 16.49
CA GLY A 385 -4.43 -5.09 17.12
C GLY A 385 -4.20 -6.59 17.04
N ALA A 386 -5.27 -7.38 17.11
CA ALA A 386 -5.13 -8.83 17.00
C ALA A 386 -4.48 -9.23 15.68
N MET A 387 -4.62 -8.43 14.61
CA MET A 387 -3.99 -8.81 13.35
C MET A 387 -2.48 -8.69 13.42
N VAL A 388 -1.96 -7.68 14.14
CA VAL A 388 -0.52 -7.57 14.29
C VAL A 388 0.03 -8.74 15.12
N VAL A 389 -0.71 -9.17 16.13
CA VAL A 389 -0.33 -10.37 16.87
C VAL A 389 -0.36 -11.59 15.94
N SER A 390 -1.34 -11.65 15.04
CA SER A 390 -1.53 -12.84 14.20
C SER A 390 -0.43 -12.95 13.15
N LEU A 391 -0.08 -11.84 12.52
CA LEU A 391 0.77 -11.91 11.33
C LEU A 391 1.87 -10.88 11.31
N GLY A 392 1.97 -10.02 12.32
CA GLY A 392 3.10 -9.12 12.41
C GLY A 392 2.92 -7.91 11.50
N GLU A 393 4.06 -7.29 11.16
CA GLU A 393 4.09 -6.02 10.46
C GLU A 393 4.38 -6.16 8.95
N SER A 394 4.77 -7.35 8.48
CA SER A 394 5.19 -7.51 7.09
C SER A 394 4.25 -8.36 6.26
N VAL A 395 3.23 -8.96 6.89
CA VAL A 395 2.24 -9.77 6.20
C VAL A 395 0.88 -9.31 6.68
N ALA A 396 -0.03 -8.98 5.75
CA ALA A 396 -1.38 -8.57 6.13
C ALA A 396 -2.33 -9.74 6.01
N GLY A 397 -3.13 -9.98 7.04
CA GLY A 397 -4.18 -10.98 6.93
C GLY A 397 -5.36 -10.43 6.13
N PHE A 398 -6.02 -11.33 5.39
CA PHE A 398 -7.23 -10.94 4.71
C PHE A 398 -8.25 -12.05 4.83
N PHE A 399 -9.52 -11.66 4.76
CA PHE A 399 -10.65 -12.57 4.81
C PHE A 399 -11.42 -12.44 3.50
N ALA A 400 -12.03 -13.54 3.06
CA ALA A 400 -12.79 -13.51 1.80
C ALA A 400 -13.89 -14.57 1.85
N ASN A 401 -15.05 -14.24 1.31
CA ASN A 401 -16.17 -15.19 1.22
C ASN A 401 -16.20 -15.89 -0.13
N ASN A 402 -15.15 -15.76 -0.92
CA ASN A 402 -15.15 -16.24 -2.30
C ASN A 402 -13.75 -16.76 -2.61
N ASP A 403 -13.63 -18.03 -2.96
CA ASP A 403 -12.30 -18.65 -3.08
C ASP A 403 -11.55 -18.19 -4.32
N VAL A 404 -12.26 -17.85 -5.39
CA VAL A 404 -11.59 -17.33 -6.58
C VAL A 404 -10.96 -15.97 -6.27
N LEU A 405 -11.75 -15.08 -5.65
CA LEU A 405 -11.23 -13.79 -5.23
C LEU A 405 -10.00 -13.95 -4.34
N ALA A 406 -10.05 -14.90 -3.39
CA ALA A 406 -8.93 -15.11 -2.50
C ALA A 406 -7.70 -15.62 -3.24
N ARG A 407 -7.90 -16.57 -4.16
CA ARG A 407 -6.78 -17.11 -4.92
C ARG A 407 -6.16 -16.04 -5.81
N ASP A 408 -7.01 -15.19 -6.43
CA ASP A 408 -6.51 -14.11 -7.27
C ASP A 408 -5.72 -13.09 -6.45
N LEU A 409 -6.25 -12.69 -5.29
CA LEU A 409 -5.51 -11.74 -4.46
C LEU A 409 -4.20 -12.34 -3.98
N ALA A 410 -4.20 -13.64 -3.64
CA ALA A 410 -2.96 -14.28 -3.21
C ALA A 410 -1.93 -14.31 -4.34
N GLU A 411 -2.38 -14.52 -5.58
CA GLU A 411 -1.45 -14.52 -6.69
C GLU A 411 -0.91 -13.12 -6.95
N ALA A 412 -1.79 -12.11 -6.88
CA ALA A 412 -1.33 -10.73 -7.02
C ALA A 412 -0.36 -10.36 -5.90
N SER A 413 -0.62 -10.84 -4.69
CA SER A 413 0.30 -10.61 -3.57
C SER A 413 1.67 -11.21 -3.86
N SER A 414 1.69 -12.46 -4.30
CA SER A 414 2.94 -13.14 -4.58
C SER A 414 3.74 -12.39 -5.64
N GLU A 415 3.06 -11.91 -6.68
CA GLU A 415 3.76 -11.32 -7.81
C GLU A 415 4.21 -9.88 -7.54
N THR A 416 3.58 -9.18 -6.60
CA THR A 416 4.03 -7.83 -6.25
C THR A 416 4.91 -7.80 -5.00
N GLY A 417 5.01 -8.91 -4.26
CA GLY A 417 5.76 -8.90 -3.03
C GLY A 417 5.10 -8.20 -1.86
N GLU A 418 3.82 -7.87 -1.97
CA GLU A 418 3.07 -7.30 -0.85
C GLU A 418 2.34 -8.45 -0.19
N ALA A 419 2.92 -8.96 0.90
CA ALA A 419 2.56 -10.28 1.41
C ALA A 419 1.19 -10.27 2.08
N LEU A 420 0.33 -11.17 1.63
CA LEU A 420 -0.98 -11.40 2.21
C LEU A 420 -1.06 -12.82 2.74
N TRP A 421 -1.93 -13.05 3.72
CA TRP A 421 -2.18 -14.40 4.19
C TRP A 421 -3.66 -14.53 4.53
N ARG A 422 -4.36 -15.41 3.81
CA ARG A 422 -5.78 -15.56 4.09
C ARG A 422 -5.99 -16.13 5.48
N MET A 423 -6.97 -15.58 6.19
CA MET A 423 -7.41 -16.07 7.48
C MET A 423 -8.88 -16.47 7.38
N PRO A 424 -9.34 -17.40 8.23
CA PRO A 424 -10.67 -17.99 8.04
C PRO A 424 -11.80 -17.19 8.67
N LEU A 425 -12.94 -17.13 7.95
CA LEU A 425 -14.18 -16.57 8.51
C LEU A 425 -14.86 -17.68 9.30
N VAL A 426 -14.40 -17.88 10.53
CA VAL A 426 -14.76 -19.06 11.31
C VAL A 426 -16.23 -18.96 11.72
N GLU A 427 -17.08 -19.85 11.19
CA GLU A 427 -18.52 -19.74 11.45
C GLU A 427 -18.82 -19.85 12.93
N LYS A 428 -18.09 -20.71 13.64
CA LYS A 428 -18.33 -20.86 15.08
C LYS A 428 -18.15 -19.56 15.86
N TYR A 429 -17.38 -18.61 15.34
CA TYR A 429 -17.15 -17.37 16.09
C TYR A 429 -18.18 -16.29 15.78
N ASP A 430 -19.12 -16.51 14.87
CA ASP A 430 -20.13 -15.50 14.60
C ASP A 430 -20.98 -15.25 15.84
N GLN A 431 -21.25 -16.30 16.62
CA GLN A 431 -21.99 -16.18 17.87
C GLN A 431 -21.20 -15.38 18.91
N ALA A 432 -19.89 -15.22 18.74
CA ALA A 432 -19.14 -14.38 19.67
C ALA A 432 -19.56 -12.92 19.60
N LEU A 433 -20.24 -12.50 18.54
CA LEU A 433 -20.77 -11.16 18.41
C LEU A 433 -22.19 -11.00 18.97
N HIS A 434 -22.72 -12.03 19.61
CA HIS A 434 -24.12 -12.03 20.02
C HIS A 434 -24.42 -10.86 20.95
N SER A 435 -25.57 -10.22 20.72
CA SER A 435 -26.12 -9.23 21.63
C SER A 435 -27.55 -9.62 21.95
N ASP A 436 -27.95 -9.41 23.22
CA ASP A 436 -29.35 -9.63 23.59
C ASP A 436 -30.28 -8.52 23.10
N ILE A 437 -29.75 -7.33 22.83
CA ILE A 437 -30.60 -6.17 22.56
C ILE A 437 -30.39 -5.62 21.16
N ALA A 438 -29.51 -6.22 20.36
CA ALA A 438 -29.16 -5.68 19.06
C ALA A 438 -28.81 -6.84 18.13
N ASP A 439 -28.70 -6.51 16.83
CA ASP A 439 -28.29 -7.53 15.87
C ASP A 439 -26.89 -8.07 16.17
N MET A 440 -26.05 -7.27 16.83
CA MET A 440 -24.70 -7.70 17.18
C MET A 440 -24.10 -6.70 18.15
N LYS A 441 -23.05 -7.15 18.85
CA LYS A 441 -22.10 -6.27 19.51
C LYS A 441 -20.96 -5.95 18.55
N ASN A 442 -20.24 -4.85 18.81
CA ASN A 442 -19.12 -4.51 17.94
C ASN A 442 -17.79 -5.09 18.42
N ILE A 443 -17.79 -5.94 19.45
CA ILE A 443 -16.59 -6.69 19.81
C ILE A 443 -17.01 -8.11 20.17
N GLY A 444 -16.11 -9.06 19.91
CA GLY A 444 -16.43 -10.45 20.15
C GLY A 444 -16.07 -10.89 21.56
N SER A 445 -16.74 -11.95 22.03
CA SER A 445 -16.51 -12.45 23.37
C SER A 445 -15.35 -13.42 23.46
N ASN A 446 -14.64 -13.71 22.38
CA ASN A 446 -13.49 -14.60 22.49
C ASN A 446 -12.24 -13.78 22.16
N ARG A 447 -11.11 -14.45 22.00
CA ARG A 447 -9.85 -13.71 21.85
C ARG A 447 -9.46 -13.45 20.41
N ALA A 448 -10.16 -14.05 19.44
CA ALA A 448 -9.76 -13.95 18.02
C ALA A 448 -10.34 -12.67 17.43
N GLY A 449 -9.76 -11.54 17.86
CA GLY A 449 -10.32 -10.24 17.54
C GLY A 449 -10.36 -9.89 16.06
N SER A 450 -9.39 -10.37 15.27
CA SER A 450 -9.41 -10.06 13.83
C SER A 450 -10.52 -10.82 13.13
N ILE A 451 -10.76 -12.05 13.57
CA ILE A 451 -11.76 -12.90 12.93
C ILE A 451 -13.16 -12.40 13.25
N THR A 452 -13.41 -12.06 14.52
CA THR A 452 -14.73 -11.56 14.86
C THR A 452 -14.96 -10.17 14.26
N ALA A 453 -13.90 -9.37 14.09
CA ALA A 453 -14.07 -8.10 13.39
C ALA A 453 -14.46 -8.34 11.93
N ALA A 454 -13.85 -9.34 11.30
CA ALA A 454 -14.22 -9.69 9.93
C ALA A 454 -15.66 -10.22 9.88
N LEU A 455 -16.03 -11.07 10.84
CA LEU A 455 -17.38 -11.60 10.86
C LEU A 455 -18.40 -10.47 11.06
N PHE A 456 -18.03 -9.48 11.86
CA PHE A 456 -18.88 -8.28 12.02
C PHE A 456 -19.14 -7.62 10.67
N LEU A 457 -18.08 -7.37 9.89
CA LEU A 457 -18.28 -6.76 8.58
C LEU A 457 -19.16 -7.63 7.70
N GLN A 458 -18.97 -8.94 7.77
CA GLN A 458 -19.74 -9.85 6.93
C GLN A 458 -21.23 -9.74 7.19
N ARG A 459 -21.62 -9.42 8.42
CA ARG A 459 -23.04 -9.21 8.71
C ARG A 459 -23.66 -8.21 7.76
N PHE A 460 -22.89 -7.22 7.32
CA PHE A 460 -23.49 -6.13 6.57
C PHE A 460 -23.65 -6.47 5.09
N LEU A 461 -23.18 -7.65 4.66
CA LEU A 461 -23.61 -8.17 3.37
C LEU A 461 -25.05 -8.65 3.40
N GLU A 462 -25.60 -8.88 4.60
CA GLU A 462 -26.97 -9.35 4.80
C GLU A 462 -27.35 -10.44 3.80
N ASP A 463 -26.45 -11.40 3.62
CA ASP A 463 -26.65 -12.56 2.76
C ASP A 463 -26.79 -12.21 1.28
N ASN A 464 -26.46 -10.98 0.90
CA ASN A 464 -26.25 -10.67 -0.51
C ASN A 464 -25.09 -11.50 -1.03
N PRO A 465 -25.18 -12.08 -2.24
CA PRO A 465 -24.16 -13.04 -2.69
C PRO A 465 -22.90 -12.42 -3.25
N VAL A 466 -22.67 -11.13 -2.99
CA VAL A 466 -21.52 -10.43 -3.56
C VAL A 466 -20.22 -11.03 -3.06
N ALA A 467 -19.23 -11.12 -3.94
CA ALA A 467 -17.89 -11.54 -3.53
C ALA A 467 -17.25 -10.44 -2.70
N TRP A 468 -16.58 -10.84 -1.62
CA TRP A 468 -16.10 -9.83 -0.69
C TRP A 468 -14.76 -10.24 -0.10
N ALA A 469 -13.84 -9.29 -0.01
CA ALA A 469 -12.58 -9.51 0.68
C ALA A 469 -12.30 -8.32 1.59
N HIS A 470 -11.68 -8.62 2.73
CA HIS A 470 -11.40 -7.64 3.77
C HIS A 470 -9.91 -7.75 4.12
N LEU A 471 -9.15 -6.69 3.88
CA LEU A 471 -7.72 -6.65 4.20
C LEU A 471 -7.48 -5.84 5.47
N ASP A 472 -6.98 -6.52 6.50
CA ASP A 472 -6.68 -5.91 7.80
C ASP A 472 -5.21 -5.52 7.76
N ILE A 473 -4.94 -4.25 7.45
CA ILE A 473 -3.58 -3.76 7.29
C ILE A 473 -3.13 -3.06 8.57
N ALA A 474 -3.68 -3.47 9.71
CA ALA A 474 -3.29 -2.85 10.98
C ALA A 474 -1.80 -3.01 11.25
N GLY A 475 -1.18 -4.06 10.72
CA GLY A 475 0.26 -4.22 10.89
C GLY A 475 1.12 -3.63 9.79
N THR A 476 0.67 -3.73 8.53
CA THR A 476 1.52 -3.39 7.39
C THR A 476 1.41 -1.93 6.95
N ALA A 477 0.45 -1.17 7.48
CA ALA A 477 0.20 0.16 6.93
C ALA A 477 1.26 1.17 7.35
N TYR A 478 1.93 0.96 8.47
CA TYR A 478 2.80 1.99 9.05
C TYR A 478 3.89 1.29 9.84
N HIS A 479 5.15 1.58 9.53
CA HIS A 479 6.26 0.86 10.15
C HIS A 479 7.06 1.82 11.03
N GLU A 480 7.03 1.59 12.35
CA GLU A 480 7.89 2.39 13.23
C GLU A 480 9.34 2.04 13.02
N LYS A 481 9.62 0.85 12.53
CA LYS A 481 10.96 0.42 12.20
C LYS A 481 11.01 0.16 10.70
N GLU A 482 11.98 0.76 10.03
CA GLU A 482 12.10 0.59 8.59
C GLU A 482 12.38 -0.86 8.22
N GLU A 483 11.65 -1.36 7.21
CA GLU A 483 11.81 -2.74 6.76
C GLU A 483 11.58 -2.80 5.26
N LEU A 484 12.49 -3.44 4.54
CA LEU A 484 12.28 -3.68 3.12
C LEU A 484 10.93 -4.34 2.89
N PRO A 485 10.25 -4.04 1.78
CA PRO A 485 10.74 -3.11 0.76
C PRO A 485 10.11 -1.74 0.86
N TYR A 486 9.87 -1.27 2.07
CA TYR A 486 9.12 -0.04 2.27
C TYR A 486 9.97 0.99 3.00
N PRO A 487 9.64 2.27 2.86
CA PRO A 487 10.29 3.29 3.70
C PRO A 487 9.85 3.12 5.13
N LYS A 488 10.55 3.82 6.02
CA LYS A 488 10.08 3.98 7.39
C LYS A 488 8.72 4.70 7.41
N TYR A 489 7.90 4.36 8.41
CA TYR A 489 6.58 4.97 8.65
C TYR A 489 5.57 4.50 7.60
N ALA A 490 4.83 5.39 6.94
CA ALA A 490 3.75 4.91 6.06
C ALA A 490 4.30 4.11 4.89
N THR A 491 3.78 2.90 4.70
CA THR A 491 4.32 2.01 3.69
C THR A 491 3.64 2.17 2.34
N GLY A 492 2.37 2.58 2.31
CA GLY A 492 1.61 2.43 1.07
C GLY A 492 1.26 1.00 0.74
N PHE A 493 1.40 0.08 1.69
CA PHE A 493 1.10 -1.33 1.45
C PHE A 493 -0.29 -1.50 0.84
N GLY A 494 -0.39 -2.32 -0.20
CA GLY A 494 -1.64 -2.68 -0.81
C GLY A 494 -1.94 -1.99 -2.14
N VAL A 495 -1.41 -0.79 -2.36
CA VAL A 495 -1.70 -0.07 -3.60
C VAL A 495 -1.21 -0.88 -4.80
N ARG A 496 0.06 -1.30 -4.77
CA ARG A 496 0.64 -2.02 -5.90
C ARG A 496 -0.05 -3.35 -6.08
N CYS A 497 -0.28 -4.07 -4.98
CA CYS A 497 -0.94 -5.36 -5.05
C CYS A 497 -2.31 -5.27 -5.72
N LEU A 498 -3.11 -4.27 -5.35
CA LEU A 498 -4.47 -4.17 -5.87
C LEU A 498 -4.50 -3.68 -7.31
N ILE A 499 -3.61 -2.76 -7.67
CA ILE A 499 -3.52 -2.37 -9.08
C ILE A 499 -3.15 -3.56 -9.95
N HIS A 500 -2.22 -4.38 -9.47
CA HIS A 500 -1.84 -5.56 -10.23
C HIS A 500 -3.00 -6.54 -10.32
N TYR A 501 -3.69 -6.76 -9.20
CA TYR A 501 -4.87 -7.63 -9.20
C TYR A 501 -5.90 -7.17 -10.23
N MET A 502 -6.25 -5.88 -10.21
CA MET A 502 -7.29 -5.39 -11.11
C MET A 502 -6.84 -5.48 -12.57
N GLU A 503 -5.57 -5.15 -12.83
CA GLU A 503 -5.08 -5.23 -14.20
C GLU A 503 -5.05 -6.68 -14.69
N LYS A 504 -4.55 -7.59 -13.86
CA LYS A 504 -4.35 -8.95 -14.33
C LYS A 504 -5.66 -9.74 -14.40
N PHE A 505 -6.55 -9.57 -13.42
CA PHE A 505 -7.71 -10.44 -13.31
C PHE A 505 -9.02 -9.77 -13.72
N LEU A 506 -9.06 -8.44 -13.79
CA LEU A 506 -10.33 -7.78 -14.13
C LEU A 506 -10.33 -7.09 -15.48
N SER A 507 -9.17 -6.65 -15.98
CA SER A 507 -9.17 -5.76 -17.13
C SER A 507 -9.03 -6.48 -18.46
N LYS A 508 -8.42 -7.65 -18.46
CA LYS A 508 -8.25 -8.41 -19.71
C LYS A 508 -9.62 -8.88 -20.21
C CO3 B . -12.14 -1.40 14.64
O1 CO3 B . -11.56 -0.27 14.33
O2 CO3 B . -13.41 -1.53 14.53
O3 CO3 B . -11.43 -2.40 15.05
C1 EDO C . 5.43 -2.92 -3.16
O1 EDO C . 5.47 -3.86 -4.24
C2 EDO C . 6.81 -2.36 -2.88
O2 EDO C . 6.66 -1.03 -2.37
S SO4 D . -15.29 18.54 24.53
O1 SO4 D . -16.03 19.65 23.95
O2 SO4 D . -13.97 19.02 24.94
O3 SO4 D . -16.02 18.05 25.70
O4 SO4 D . -15.15 17.49 23.53
C1 EDO E . -13.87 -10.40 -15.49
O1 EDO E . -14.71 -9.52 -14.72
C2 EDO E . -13.17 -11.36 -14.56
O2 EDO E . -14.14 -12.23 -13.96
C1 EDO F . -9.37 -2.18 19.02
O1 EDO F . -10.21 -2.84 18.07
C2 EDO F . -7.91 -2.37 18.63
O2 EDO F . -7.69 -3.75 18.32
ZN ZN G . -9.56 2.78 14.41
ZN ZN H . -10.17 2.21 17.38
NA NA I . 5.66 12.74 -7.77
NA NA J . -13.72 14.10 -13.40
NA NA K . -9.86 -0.20 27.27
NA NA L . 2.38 -1.13 11.90
CL CL M . -9.56 0.87 29.79
CL CL N . -14.35 -12.39 -8.25
N LEU O . -8.35 -1.19 30.39
CA LEU O . -9.02 -2.33 29.78
C LEU O . -10.52 -2.05 29.73
O LEU O . -11.11 -1.88 28.65
CB LEU O . -8.73 -3.61 30.59
CG LEU O . -8.53 -4.93 29.83
CD1 LEU O . -8.78 -6.15 30.73
CD2 LEU O . -9.40 -5.00 28.62
OXT LEU O . -11.16 -1.96 30.78
#